data_3NDG
#
_entry.id   3NDG
#
_cell.length_a   49.355
_cell.length_b   67.908
_cell.length_c   75.569
_cell.angle_alpha   90.000
_cell.angle_beta   90.000
_cell.angle_gamma   90.000
#
_symmetry.space_group_name_H-M   'P 21 21 21'
#
loop_
_entity.id
_entity.type
_entity.pdbx_description
1 polymer Beta-lactamase
2 non-polymer 'PHOSPHATE ION'
3 non-polymer '(2R,4S)-2-[(1R)-1-{[(2,6-dimethoxyphenyl)carbonyl]amino}-2-oxoethyl]-5,5-dimethyl-1,3-thiazolidine-4-carboxylic acid'
4 water water
#
_entity_poly.entity_id   1
_entity_poly.type   'polypeptide(L)'
_entity_poly.pdbx_seq_one_letter_code
;DLADRFAELERRYDARLGVYVPATGTTAAIEYRADERFAFCSTFKAPLVAAVLHQNPLTHLDKLITYTSDDIRSISPVAQ
QHVQTGMTIGQLCDAAIRYSDGTAANLLLADLGGPGGGTAAFTGYLRSLGDTVSRLDAEAPELNRDPPGDERDTTTPHAI
ALVLQQLVLGNALPPDKRALLTDWMARNTTGAKRIRAGFPADWKVIDKTGTGDYGRANDIAVVWSPTGVPYVVAVMSDRA
GGGYDAEPREALLAEAATCVAGVLA
;
_entity_poly.pdbx_strand_id   A
#
loop_
_chem_comp.id
_chem_comp.type
_chem_comp.name
_chem_comp.formula
7EP non-polymer '(2R,4S)-2-[(1R)-1-{[(2,6-dimethoxyphenyl)carbonyl]amino}-2-oxoethyl]-5,5-dimethyl-1,3-thiazolidine-4-carboxylic acid' 'C17 H22 N2 O6 S'
PO4 non-polymer 'PHOSPHATE ION' 'O4 P -3'
#
# COMPACT_ATOMS: atom_id res chain seq x y z
N ASP A 1 -17.87 -0.43 -21.52
CA ASP A 1 -18.17 -0.32 -20.06
C ASP A 1 -17.03 -0.94 -19.23
N LEU A 2 -16.54 -0.15 -18.27
CA LEU A 2 -15.44 -0.55 -17.40
C LEU A 2 -15.65 -1.86 -16.66
N ALA A 3 -16.85 -2.04 -16.10
CA ALA A 3 -17.14 -3.22 -15.28
C ALA A 3 -17.02 -4.50 -16.10
N ASP A 4 -17.45 -4.45 -17.37
CA ASP A 4 -17.27 -5.58 -18.28
C ASP A 4 -15.79 -5.90 -18.48
N ARG A 5 -14.98 -4.87 -18.65
CA ARG A 5 -13.55 -5.08 -18.85
C ARG A 5 -12.92 -5.69 -17.60
N PHE A 6 -13.28 -5.17 -16.42
CA PHE A 6 -12.74 -5.72 -15.16
C PHE A 6 -13.17 -7.18 -14.96
N ALA A 7 -14.43 -7.47 -15.26
CA ALA A 7 -14.92 -8.87 -15.19
C ALA A 7 -14.17 -9.81 -16.15
N GLU A 8 -13.87 -9.32 -17.35
CA GLU A 8 -13.07 -10.09 -18.31
C GLU A 8 -11.68 -10.43 -17.74
N LEU A 9 -11.08 -9.47 -17.06
CA LEU A 9 -9.77 -9.68 -16.44
C LEU A 9 -9.87 -10.73 -15.33
N GLU A 10 -10.93 -10.67 -14.54
CA GLU A 10 -11.16 -11.68 -13.51
C GLU A 10 -11.21 -13.10 -14.06
N ARG A 11 -11.92 -13.27 -15.17
CA ARG A 11 -11.95 -14.58 -15.84
C ARG A 11 -10.58 -14.97 -16.40
N ARG A 12 -9.87 -14.01 -17.00
CA ARG A 12 -8.55 -14.27 -17.61
C ARG A 12 -7.51 -14.77 -16.60
N TYR A 13 -7.53 -14.15 -15.42
CA TYR A 13 -6.51 -14.41 -14.42
C TYR A 13 -7.03 -15.32 -13.29
N ASP A 14 -8.23 -15.88 -13.46
CA ASP A 14 -8.95 -16.62 -12.38
C ASP A 14 -8.77 -15.88 -11.06
N ALA A 15 -9.22 -14.63 -11.05
CA ALA A 15 -8.95 -13.71 -9.95
C ALA A 15 -10.20 -13.01 -9.47
N ARG A 16 -10.12 -12.42 -8.29
CA ARG A 16 -11.10 -11.46 -7.83
C ARG A 16 -10.33 -10.14 -7.85
N LEU A 17 -10.92 -9.11 -8.44
CA LEU A 17 -10.26 -7.80 -8.65
C LEU A 17 -11.11 -6.71 -8.00
N GLY A 18 -10.48 -5.81 -7.26
CA GLY A 18 -11.16 -4.67 -6.69
C GLY A 18 -10.45 -3.40 -7.10
N VAL A 19 -11.21 -2.40 -7.49
CA VAL A 19 -10.65 -1.14 -8.01
C VAL A 19 -11.44 0.02 -7.41
N TYR A 20 -10.74 1.08 -6.98
CA TYR A 20 -11.42 2.33 -6.67
C TYR A 20 -10.56 3.51 -7.08
N VAL A 21 -11.19 4.49 -7.74
CA VAL A 21 -10.61 5.82 -7.98
C VAL A 21 -11.66 6.82 -7.46
N PRO A 22 -11.32 7.61 -6.41
CA PRO A 22 -12.25 8.61 -5.85
C PRO A 22 -12.75 9.62 -6.89
N ALA A 23 -13.97 10.12 -6.73
CA ALA A 23 -14.44 11.21 -7.56
C ALA A 23 -13.50 12.42 -7.52
N THR A 24 -13.42 13.13 -8.64
CA THR A 24 -12.65 14.38 -8.74
C THR A 24 -13.55 15.53 -9.20
N GLY A 25 -12.93 16.63 -9.64
CA GLY A 25 -13.69 17.74 -10.23
C GLY A 25 -14.67 17.36 -11.32
N THR A 26 -14.30 16.42 -12.18
CA THR A 26 -15.12 16.14 -13.37
C THR A 26 -15.39 14.66 -13.60
N THR A 27 -14.87 13.81 -12.72
CA THR A 27 -15.08 12.38 -12.87
C THR A 27 -15.77 11.86 -11.62
N ALA A 28 -16.73 10.96 -11.82
CA ALA A 28 -17.32 10.19 -10.72
C ALA A 28 -16.31 9.14 -10.27
N ALA A 29 -16.52 8.58 -9.08
CA ALA A 29 -15.70 7.47 -8.61
C ALA A 29 -15.75 6.31 -9.60
N ILE A 30 -14.61 5.67 -9.81
CA ILE A 30 -14.57 4.40 -10.53
C ILE A 30 -14.58 3.34 -9.43
N GLU A 31 -15.51 2.39 -9.53
CA GLU A 31 -15.60 1.39 -8.46
C GLU A 31 -15.97 0.01 -8.96
N TYR A 32 -15.16 -0.99 -8.59
CA TYR A 32 -15.43 -2.38 -8.94
C TYR A 32 -15.05 -3.23 -7.74
N ARG A 33 -16.05 -3.87 -7.13
CA ARG A 33 -15.85 -4.58 -5.86
C ARG A 33 -15.15 -3.69 -4.82
N ALA A 34 -15.38 -2.39 -4.91
CA ALA A 34 -14.59 -1.41 -4.12
C ALA A 34 -14.85 -1.45 -2.62
N ASP A 35 -15.97 -2.03 -2.20
CA ASP A 35 -16.27 -2.17 -0.78
C ASP A 35 -16.09 -3.62 -0.27
N GLU A 36 -15.57 -4.49 -1.11
CA GLU A 36 -15.20 -5.83 -0.66
C GLU A 36 -13.85 -5.79 0.06
N ARG A 37 -13.68 -6.64 1.07
CA ARG A 37 -12.40 -6.71 1.79
C ARG A 37 -11.36 -7.47 0.99
N PHE A 38 -10.13 -6.91 0.94
CA PHE A 38 -8.96 -7.61 0.44
C PHE A 38 -7.83 -7.49 1.47
N ALA A 39 -6.96 -8.49 1.55
CA ALA A 39 -5.75 -8.36 2.42
C ALA A 39 -4.97 -7.07 2.09
N PHE A 40 -4.53 -6.34 3.14
CA PHE A 40 -3.55 -5.22 2.99
C PHE A 40 -2.29 -5.67 2.27
N CYS A 41 -1.77 -6.83 2.65
CA CYS A 41 -0.38 -7.20 2.33
C CYS A 41 0.48 -5.98 2.70
N SER A 42 1.55 -5.73 1.98
CA SER A 42 2.49 -4.71 2.34
C SER A 42 1.96 -3.28 2.13
N THR A 43 0.78 -3.10 1.53
CA THR A 43 0.29 -1.74 1.29
C THR A 43 0.14 -0.90 2.55
N PHE A 44 -0.01 -1.55 3.71
CA PHE A 44 -0.17 -0.82 4.99
C PHE A 44 1.04 0.05 5.32
N LYS A 45 2.19 -0.24 4.71
CA LYS A 45 3.45 0.44 5.08
C LYS A 45 3.44 1.93 4.70
N ALA A 46 2.64 2.31 3.70
CA ALA A 46 2.51 3.72 3.35
C ALA A 46 1.81 4.47 4.49
N PRO A 47 0.56 4.10 4.87
CA PRO A 47 0.01 4.81 6.04
C PRO A 47 0.79 4.63 7.36
N LEU A 48 1.50 3.51 7.51
CA LEU A 48 2.38 3.30 8.68
C LEU A 48 3.46 4.39 8.76
N VAL A 49 4.17 4.62 7.66
CA VAL A 49 5.18 5.71 7.61
C VAL A 49 4.51 7.06 7.93
N ALA A 50 3.31 7.31 7.40
CA ALA A 50 2.59 8.56 7.72
C ALA A 50 2.32 8.66 9.24
N ALA A 51 1.91 7.55 9.86
CA ALA A 51 1.65 7.53 11.32
C ALA A 51 2.90 7.89 12.11
N VAL A 52 4.03 7.29 11.73
CA VAL A 52 5.31 7.54 12.42
C VAL A 52 5.79 8.99 12.22
N LEU A 53 5.71 9.50 11.00
CA LEU A 53 5.98 10.94 10.75
C LEU A 53 5.05 11.85 11.57
N HIS A 54 3.76 11.59 11.52
CA HIS A 54 2.79 12.42 12.26
C HIS A 54 3.07 12.48 13.79
N GLN A 55 3.44 11.34 14.34
CA GLN A 55 3.59 11.12 15.78
C GLN A 55 4.78 11.83 16.41
N ASN A 56 5.78 12.13 15.61
CA ASN A 56 7.07 12.58 16.12
C ASN A 56 7.61 13.83 15.43
N PRO A 57 8.50 14.55 16.11
CA PRO A 57 9.18 15.66 15.47
C PRO A 57 10.06 15.09 14.38
N LEU A 58 10.57 15.95 13.50
CA LEU A 58 11.32 15.47 12.36
C LEU A 58 12.70 14.96 12.68
N THR A 59 13.27 15.50 13.74
CA THR A 59 14.59 15.07 14.18
C THR A 59 14.54 13.59 14.58
N HIS A 60 13.32 13.06 14.69
CA HIS A 60 13.10 11.61 15.07
C HIS A 60 13.60 10.65 13.99
N LEU A 61 13.52 11.14 12.75
CA LEU A 61 14.07 10.43 11.59
C LEU A 61 15.53 10.07 11.80
N ASP A 62 16.21 10.79 12.67
CA ASP A 62 17.65 10.54 12.90
C ASP A 62 17.98 9.56 14.04
N LYS A 63 16.94 9.08 14.75
CA LYS A 63 17.11 8.11 15.84
C LYS A 63 17.56 6.75 15.31
N LEU A 64 18.67 6.22 15.86
CA LEU A 64 19.18 4.91 15.41
C LEU A 64 18.43 3.77 16.11
N ILE A 65 17.96 2.80 15.32
CA ILE A 65 17.24 1.62 15.85
C ILE A 65 18.13 0.41 15.63
N THR A 66 18.35 -0.36 16.68
CA THR A 66 19.11 -1.60 16.53
C THR A 66 18.19 -2.82 16.57
N TYR A 67 18.64 -3.88 15.92
CA TYR A 67 17.86 -5.11 15.80
C TYR A 67 18.84 -6.27 15.58
N THR A 68 18.32 -7.49 15.70
CA THR A 68 19.15 -8.71 15.67
C THR A 68 18.63 -9.81 14.73
N SER A 69 19.30 -10.96 14.75
CA SER A 69 18.96 -12.07 13.88
C SER A 69 17.48 -12.44 13.94
N ASP A 70 16.93 -12.51 15.14
CA ASP A 70 15.56 -13.00 15.29
C ASP A 70 14.47 -11.97 14.89
N ASP A 71 14.92 -10.78 14.47
CA ASP A 71 14.02 -9.75 13.94
C ASP A 71 13.81 -9.91 12.44
N ILE A 72 14.62 -10.75 11.82
CA ILE A 72 14.54 -10.94 10.36
C ILE A 72 13.71 -12.18 9.99
N ARG A 73 12.42 -11.94 9.69
CA ARG A 73 11.39 -13.00 9.64
C ARG A 73 10.60 -12.95 8.34
N SER A 74 10.95 -12.01 7.47
CA SER A 74 10.19 -11.74 6.24
C SER A 74 11.12 -11.08 5.21
N ILE A 75 10.65 -10.94 3.98
CA ILE A 75 11.47 -10.40 2.89
C ILE A 75 11.90 -8.99 3.31
N SER A 76 13.21 -8.79 3.42
CA SER A 76 13.78 -7.59 4.06
C SER A 76 15.12 -7.23 3.37
N PRO A 77 15.06 -6.74 2.12
CA PRO A 77 16.23 -6.53 1.26
C PRO A 77 17.28 -5.58 1.82
N VAL A 78 16.83 -4.59 2.59
CA VAL A 78 17.70 -3.56 3.14
C VAL A 78 18.12 -3.94 4.57
N ALA A 79 17.15 -4.29 5.42
CA ALA A 79 17.40 -4.52 6.85
C ALA A 79 18.43 -5.62 7.07
N GLN A 80 18.46 -6.60 6.15
CA GLN A 80 19.47 -7.65 6.21
C GLN A 80 20.90 -7.09 6.06
N GLN A 81 21.07 -6.08 5.21
CA GLN A 81 22.37 -5.47 4.93
C GLN A 81 22.93 -4.59 6.06
N HIS A 82 22.06 -4.14 6.97
CA HIS A 82 22.45 -3.15 7.98
C HIS A 82 22.34 -3.65 9.41
N VAL A 83 22.08 -4.93 9.58
CA VAL A 83 21.85 -5.52 10.89
C VAL A 83 23.02 -5.31 11.89
N GLN A 84 24.24 -5.21 11.36
CA GLN A 84 25.42 -4.98 12.18
C GLN A 84 25.58 -3.54 12.67
N THR A 85 24.94 -2.58 11.99
CA THR A 85 25.00 -1.17 12.42
C THR A 85 23.68 -0.59 12.97
N GLY A 86 22.56 -1.24 12.69
CA GLY A 86 21.28 -0.64 12.98
C GLY A 86 20.85 0.27 11.85
N MET A 87 19.67 0.86 11.97
CA MET A 87 19.15 1.72 10.91
C MET A 87 18.40 2.84 11.59
N THR A 88 18.50 4.05 11.06
CA THR A 88 17.73 5.17 11.61
C THR A 88 16.25 4.99 11.22
N ILE A 89 15.36 5.70 11.92
CA ILE A 89 13.94 5.72 11.58
C ILE A 89 13.73 6.20 10.12
N GLY A 90 14.49 7.21 9.70
CA GLY A 90 14.45 7.66 8.30
C GLY A 90 14.81 6.55 7.32
N GLN A 91 15.89 5.82 7.58
CA GLN A 91 16.29 4.67 6.76
C GLN A 91 15.23 3.57 6.74
N LEU A 92 14.58 3.39 7.88
CA LEU A 92 13.54 2.37 8.00
C LEU A 92 12.30 2.75 7.20
N CYS A 93 11.89 4.02 7.27
CA CYS A 93 10.80 4.48 6.42
C CYS A 93 11.12 4.30 4.92
N ASP A 94 12.33 4.70 4.53
CA ASP A 94 12.80 4.57 3.15
C ASP A 94 12.68 3.11 2.68
N ALA A 95 13.20 2.18 3.48
CA ALA A 95 13.23 0.75 3.16
C ALA A 95 11.81 0.15 3.12
N ALA A 96 10.98 0.53 4.10
CA ALA A 96 9.59 0.03 4.18
C ALA A 96 8.78 0.40 2.95
N ILE A 97 8.90 1.65 2.50
CA ILE A 97 8.20 2.05 1.30
C ILE A 97 8.89 1.57 0.00
N ARG A 98 10.18 1.84 -0.14
CA ARG A 98 10.82 1.72 -1.47
C ARG A 98 11.21 0.29 -1.82
N TYR A 99 11.48 -0.50 -0.79
CA TYR A 99 11.86 -1.92 -0.98
C TYR A 99 10.88 -2.86 -0.34
N SER A 100 9.81 -2.30 0.22
CA SER A 100 8.86 -3.07 1.02
C SER A 100 9.52 -4.01 2.04
N ASP A 101 10.49 -3.47 2.77
CA ASP A 101 11.26 -4.23 3.73
C ASP A 101 10.38 -4.58 4.92
N GLY A 102 10.19 -5.88 5.15
CA GLY A 102 9.28 -6.37 6.19
C GLY A 102 9.78 -6.13 7.60
N THR A 103 11.08 -6.31 7.81
CA THR A 103 11.67 -6.02 9.11
C THR A 103 11.57 -4.51 9.41
N ALA A 104 11.77 -3.67 8.41
CA ALA A 104 11.68 -2.23 8.65
C ALA A 104 10.26 -1.88 9.11
N ALA A 105 9.27 -2.47 8.46
CA ALA A 105 7.87 -2.21 8.81
C ALA A 105 7.58 -2.71 10.22
N ASN A 106 8.07 -3.91 10.55
CA ASN A 106 7.90 -4.40 11.91
C ASN A 106 8.53 -3.46 12.96
N LEU A 107 9.72 -2.94 12.68
CA LEU A 107 10.39 -2.03 13.62
C LEU A 107 9.62 -0.69 13.74
N LEU A 108 9.01 -0.25 12.65
CA LEU A 108 8.24 0.99 12.63
C LEU A 108 6.95 0.83 13.42
N LEU A 109 6.32 -0.35 13.31
CA LEU A 109 5.16 -0.67 14.15
C LEU A 109 5.54 -0.64 15.65
N ALA A 110 6.67 -1.27 15.98
CA ALA A 110 7.19 -1.25 17.36
C ALA A 110 7.51 0.16 17.85
N ASP A 111 7.98 1.02 16.95
CA ASP A 111 8.26 2.43 17.26
C ASP A 111 6.97 3.19 17.59
N LEU A 112 5.91 2.93 16.83
CA LEU A 112 4.57 3.48 17.12
C LEU A 112 4.11 3.04 18.50
N GLY A 113 4.29 1.73 18.78
CA GLY A 113 4.18 1.16 20.13
C GLY A 113 2.76 0.79 20.49
N GLY A 114 2.58 0.39 21.75
CA GLY A 114 1.25 0.02 22.26
C GLY A 114 0.96 -1.44 21.98
N PRO A 115 -0.27 -1.90 22.33
CA PRO A 115 -0.68 -3.32 22.20
C PRO A 115 -0.57 -3.86 20.77
N GLY A 116 -0.44 -5.18 20.68
CA GLY A 116 -0.36 -5.83 19.38
C GLY A 116 0.88 -5.45 18.59
N GLY A 117 1.96 -5.10 19.29
CA GLY A 117 3.20 -4.68 18.65
C GLY A 117 3.09 -3.43 17.77
N GLY A 118 2.14 -2.55 18.07
CA GLY A 118 1.93 -1.36 17.24
C GLY A 118 0.74 -1.45 16.30
N THR A 119 0.17 -2.65 16.12
CA THR A 119 -0.95 -2.83 15.18
C THR A 119 -2.20 -2.07 15.63
N ALA A 120 -2.40 -1.96 16.94
CA ALA A 120 -3.59 -1.27 17.46
C ALA A 120 -3.46 0.25 17.23
N ALA A 121 -2.28 0.79 17.52
CA ALA A 121 -1.96 2.21 17.24
C ALA A 121 -2.01 2.52 15.74
N PHE A 122 -1.54 1.58 14.91
CA PHE A 122 -1.65 1.76 13.45
C PHE A 122 -3.13 1.90 13.07
N THR A 123 -3.96 0.99 13.56
CA THR A 123 -5.39 1.03 13.26
C THR A 123 -6.02 2.33 13.78
N GLY A 124 -5.65 2.72 15.00
CA GLY A 124 -6.02 4.02 15.54
C GLY A 124 -5.70 5.19 14.64
N TYR A 125 -4.52 5.15 14.00
CA TYR A 125 -4.14 6.20 13.05
C TYR A 125 -5.15 6.25 11.88
N LEU A 126 -5.50 5.08 11.34
CA LEU A 126 -6.51 5.04 10.27
C LEU A 126 -7.88 5.57 10.71
N ARG A 127 -8.31 5.20 11.91
CA ARG A 127 -9.57 5.70 12.47
C ARG A 127 -9.57 7.23 12.53
N SER A 128 -8.42 7.83 12.84
CA SER A 128 -8.31 9.31 12.96
C SER A 128 -8.47 9.99 11.61
N LEU A 129 -8.26 9.23 10.54
CA LEU A 129 -8.47 9.70 9.16
C LEU A 129 -9.88 9.37 8.65
N GLY A 130 -10.73 8.82 9.52
CA GLY A 130 -12.10 8.55 9.17
C GLY A 130 -12.32 7.17 8.57
N ASP A 131 -11.26 6.35 8.58
CA ASP A 131 -11.32 4.99 8.03
C ASP A 131 -11.79 4.04 9.13
N THR A 132 -13.07 3.70 9.10
CA THR A 132 -13.69 2.79 10.08
C THR A 132 -13.72 1.34 9.57
N VAL A 133 -13.12 1.12 8.40
CA VAL A 133 -13.18 -0.17 7.68
C VAL A 133 -11.93 -1.04 7.88
N SER A 134 -10.75 -0.46 7.64
CA SER A 134 -9.48 -1.22 7.68
C SER A 134 -9.10 -1.70 9.07
N ARG A 135 -8.36 -2.80 9.10
CA ARG A 135 -7.80 -3.28 10.36
C ARG A 135 -6.47 -3.97 10.14
N LEU A 136 -5.51 -3.70 11.02
CA LEU A 136 -4.28 -4.46 11.05
C LEU A 136 -4.26 -5.17 12.36
N ASP A 137 -4.00 -6.48 12.33
CA ASP A 137 -4.10 -7.34 13.50
C ASP A 137 -2.77 -8.01 13.82
N ALA A 138 -1.96 -8.24 12.80
CA ALA A 138 -0.69 -8.97 12.92
C ALA A 138 0.43 -8.21 12.20
N GLU A 139 1.68 -8.55 12.50
CA GLU A 139 2.78 -8.00 11.72
C GLU A 139 3.23 -9.02 10.66
N ALA A 140 4.29 -8.70 9.93
CA ALA A 140 4.86 -9.60 8.93
C ALA A 140 5.64 -10.75 9.62
N PRO A 141 5.56 -11.98 9.07
CA PRO A 141 4.87 -12.43 7.84
C PRO A 141 3.37 -12.72 7.97
N GLU A 142 2.83 -12.72 9.19
CA GLU A 142 1.47 -13.21 9.45
C GLU A 142 0.38 -12.49 8.66
N LEU A 143 0.51 -11.17 8.51
CA LEU A 143 -0.56 -10.37 7.92
C LEU A 143 -0.88 -10.67 6.44
N ASN A 144 0.02 -11.38 5.76
CA ASN A 144 -0.18 -11.73 4.31
C ASN A 144 -0.84 -13.12 4.12
N ARG A 145 -1.14 -13.76 5.25
CA ARG A 145 -1.45 -15.19 5.31
C ARG A 145 -2.88 -15.55 5.74
N ASP A 146 -3.69 -14.57 6.03
CA ASP A 146 -5.03 -14.92 6.46
C ASP A 146 -5.76 -15.68 5.35
N PRO A 147 -6.62 -16.65 5.68
CA PRO A 147 -7.30 -17.35 4.59
C PRO A 147 -8.16 -16.38 3.74
N PRO A 148 -8.39 -16.69 2.45
CA PRO A 148 -9.31 -15.86 1.66
C PRO A 148 -10.62 -15.67 2.43
N GLY A 149 -11.15 -14.44 2.40
CA GLY A 149 -12.41 -14.14 3.10
C GLY A 149 -12.27 -13.70 4.56
N ASP A 150 -11.19 -14.12 5.21
CA ASP A 150 -10.88 -13.71 6.59
C ASP A 150 -10.78 -12.18 6.66
N GLU A 151 -11.31 -11.57 7.71
CA GLU A 151 -11.31 -10.10 7.80
C GLU A 151 -10.06 -9.51 8.49
N ARG A 152 -9.24 -10.37 9.11
CA ARG A 152 -8.02 -9.91 9.75
C ARG A 152 -7.10 -9.30 8.68
N ASP A 153 -6.44 -8.20 9.04
CA ASP A 153 -5.45 -7.53 8.17
C ASP A 153 -6.00 -7.21 6.78
N THR A 154 -7.23 -6.71 6.73
CA THR A 154 -7.88 -6.31 5.47
C THR A 154 -8.23 -4.83 5.41
N THR A 155 -8.38 -4.34 4.18
CA THR A 155 -8.93 -3.02 3.90
C THR A 155 -9.89 -3.24 2.71
N THR A 156 -10.42 -2.16 2.14
CA THR A 156 -11.15 -2.24 0.88
C THR A 156 -10.50 -1.24 -0.09
N PRO A 157 -10.63 -1.49 -1.42
CA PRO A 157 -10.13 -0.46 -2.35
C PRO A 157 -10.68 0.94 -2.04
N HIS A 158 -11.96 1.04 -1.72
CA HIS A 158 -12.57 2.33 -1.33
C HIS A 158 -11.87 2.96 -0.11
N ALA A 159 -11.71 2.19 0.97
CA ALA A 159 -11.15 2.77 2.22
C ALA A 159 -9.71 3.20 2.05
N ILE A 160 -8.87 2.36 1.44
CA ILE A 160 -7.47 2.70 1.32
C ILE A 160 -7.20 3.84 0.33
N ALA A 161 -8.02 3.92 -0.72
CA ALA A 161 -7.89 5.05 -1.63
C ALA A 161 -8.18 6.38 -0.90
N LEU A 162 -9.20 6.38 -0.04
CA LEU A 162 -9.58 7.60 0.69
C LEU A 162 -8.52 7.98 1.73
N VAL A 163 -7.91 6.98 2.35
CA VAL A 163 -6.75 7.17 3.21
C VAL A 163 -5.60 7.79 2.43
N LEU A 164 -5.23 7.19 1.28
CA LEU A 164 -4.05 7.69 0.57
C LEU A 164 -4.33 9.11 0.06
N GLN A 165 -5.56 9.36 -0.36
CA GLN A 165 -5.98 10.71 -0.79
C GLN A 165 -5.73 11.75 0.29
N GLN A 166 -6.12 11.46 1.53
CA GLN A 166 -5.89 12.41 2.61
C GLN A 166 -4.41 12.60 2.93
N LEU A 167 -3.62 11.52 2.83
CA LEU A 167 -2.19 11.59 3.14
C LEU A 167 -1.38 12.40 2.11
N VAL A 168 -1.64 12.15 0.82
CA VAL A 168 -0.85 12.73 -0.24
C VAL A 168 -1.47 14.01 -0.80
N LEU A 169 -2.79 14.01 -0.97
CA LEU A 169 -3.46 15.17 -1.58
C LEU A 169 -4.08 16.08 -0.53
N GLY A 170 -4.53 15.51 0.59
CA GLY A 170 -5.18 16.28 1.63
C GLY A 170 -4.24 16.81 2.71
N ASN A 171 -4.81 17.10 3.87
CA ASN A 171 -4.11 17.83 4.92
C ASN A 171 -3.88 16.99 6.18
N ALA A 172 -3.94 15.66 6.03
CA ALA A 172 -3.63 14.76 7.14
C ALA A 172 -2.24 15.00 7.71
N LEU A 173 -1.25 15.30 6.85
CA LEU A 173 0.10 15.56 7.33
C LEU A 173 0.46 17.01 7.05
N PRO A 174 1.30 17.61 7.92
CA PRO A 174 1.89 18.92 7.55
C PRO A 174 2.69 18.81 6.27
N PRO A 175 2.78 19.90 5.48
CA PRO A 175 3.46 19.87 4.20
C PRO A 175 4.86 19.23 4.20
N ASP A 176 5.65 19.47 5.26
CA ASP A 176 7.01 18.90 5.29
C ASP A 176 7.03 17.36 5.38
N LYS A 177 6.13 16.82 6.19
CA LYS A 177 5.98 15.37 6.36
C LYS A 177 5.28 14.76 5.15
N ARG A 178 4.24 15.43 4.66
CA ARG A 178 3.59 15.01 3.39
C ARG A 178 4.59 14.82 2.25
N ALA A 179 5.51 15.78 2.09
CA ALA A 179 6.53 15.73 1.05
C ALA A 179 7.47 14.53 1.23
N LEU A 180 7.84 14.21 2.47
CA LEU A 180 8.69 13.04 2.74
C LEU A 180 8.02 11.74 2.27
N LEU A 181 6.74 11.58 2.65
CA LEU A 181 5.97 10.40 2.25
C LEU A 181 5.82 10.34 0.72
N THR A 182 5.41 11.46 0.14
CA THR A 182 5.24 11.56 -1.33
C THR A 182 6.52 11.15 -2.06
N ASP A 183 7.67 11.69 -1.62
CA ASP A 183 8.97 11.39 -2.24
C ASP A 183 9.36 9.93 -2.15
N TRP A 184 9.15 9.29 -0.99
CA TRP A 184 9.48 7.88 -0.86
C TRP A 184 8.63 7.03 -1.79
N MET A 185 7.33 7.32 -1.85
CA MET A 185 6.48 6.59 -2.78
C MET A 185 6.85 6.88 -4.24
N ALA A 186 7.25 8.12 -4.56
CA ALA A 186 7.75 8.49 -5.90
C ALA A 186 8.96 7.67 -6.33
N ARG A 187 9.79 7.30 -5.37
CA ARG A 187 11.03 6.57 -5.62
C ARG A 187 10.93 5.06 -5.35
N ASN A 188 9.70 4.57 -5.22
CA ASN A 188 9.46 3.16 -5.03
C ASN A 188 10.10 2.32 -6.14
N THR A 189 10.71 1.20 -5.76
CA THR A 189 11.37 0.34 -6.73
C THR A 189 10.58 -0.93 -7.03
N THR A 190 9.43 -1.13 -6.36
CA THR A 190 8.76 -2.44 -6.51
C THR A 190 7.52 -2.43 -7.42
N GLY A 191 7.25 -1.30 -8.07
CA GLY A 191 5.94 -1.08 -8.69
C GLY A 191 5.95 -0.95 -10.19
N ALA A 192 7.07 -1.24 -10.83
CA ALA A 192 7.22 -0.98 -12.28
C ALA A 192 6.23 -1.77 -13.17
N LYS A 193 5.77 -2.92 -12.70
CA LYS A 193 4.90 -3.77 -13.52
C LYS A 193 3.42 -3.76 -13.10
N ARG A 194 3.04 -2.79 -12.27
CA ARG A 194 1.66 -2.71 -11.81
C ARG A 194 1.01 -1.44 -12.31
N ILE A 195 0.57 -0.53 -11.41
CA ILE A 195 -0.15 0.67 -11.88
C ILE A 195 0.68 1.51 -12.85
N ARG A 196 1.97 1.68 -12.52
CA ARG A 196 2.93 2.36 -13.41
C ARG A 196 2.90 1.82 -14.86
N ALA A 197 2.79 0.51 -15.03
CA ALA A 197 2.82 -0.07 -16.39
C ALA A 197 1.55 0.29 -17.19
N GLY A 198 0.50 0.68 -16.50
CA GLY A 198 -0.77 0.98 -17.17
C GLY A 198 -1.01 2.43 -17.55
N PHE A 199 -0.14 3.31 -17.06
CA PHE A 199 -0.24 4.74 -17.34
C PHE A 199 0.89 5.22 -18.28
N PRO A 200 0.56 6.12 -19.22
CA PRO A 200 1.60 6.58 -20.13
C PRO A 200 2.75 7.24 -19.42
N ALA A 201 3.91 7.28 -20.06
CA ALA A 201 5.13 7.80 -19.46
C ALA A 201 5.07 9.27 -19.02
N ASP A 202 4.18 10.05 -19.62
CA ASP A 202 4.11 11.47 -19.24
C ASP A 202 3.17 11.76 -18.05
N TRP A 203 2.62 10.67 -17.49
CA TRP A 203 1.89 10.73 -16.22
C TRP A 203 2.87 10.43 -15.11
N LYS A 204 2.82 11.22 -14.03
CA LYS A 204 3.66 10.93 -12.85
C LYS A 204 2.95 9.87 -12.02
N VAL A 205 3.71 8.90 -11.52
CA VAL A 205 3.12 7.84 -10.66
C VAL A 205 3.91 7.67 -9.35
N ILE A 206 3.23 7.73 -8.21
CA ILE A 206 3.84 7.30 -6.93
C ILE A 206 3.04 6.12 -6.40
N ASP A 207 3.68 5.14 -5.75
CA ASP A 207 2.88 3.98 -5.32
C ASP A 207 3.48 3.18 -4.18
N LYS A 208 2.67 2.26 -3.65
CA LYS A 208 3.15 1.24 -2.70
C LYS A 208 2.42 -0.06 -3.03
N THR A 209 3.18 -1.13 -3.23
CA THR A 209 2.66 -2.43 -3.67
C THR A 209 2.42 -3.35 -2.46
N GLY A 210 1.72 -4.45 -2.69
CA GLY A 210 1.67 -5.55 -1.73
C GLY A 210 1.50 -6.86 -2.47
N THR A 211 2.06 -7.92 -1.90
CA THR A 211 1.99 -9.28 -2.46
C THR A 211 1.83 -10.26 -1.28
N GLY A 212 1.01 -11.30 -1.49
CA GLY A 212 0.81 -12.33 -0.47
C GLY A 212 0.53 -13.71 -1.03
N ASP A 213 0.15 -14.63 -0.14
CA ASP A 213 -0.26 -15.97 -0.52
C ASP A 213 -1.63 -15.90 -1.15
N TYR A 214 -2.13 -17.02 -1.70
CA TYR A 214 -3.42 -17.07 -2.41
C TYR A 214 -3.47 -16.06 -3.58
N GLY A 215 -2.32 -15.84 -4.22
CA GLY A 215 -2.27 -15.03 -5.42
C GLY A 215 -2.53 -13.55 -5.17
N ARG A 216 -2.29 -13.08 -3.95
CA ARG A 216 -2.58 -11.69 -3.61
C ARG A 216 -1.58 -10.72 -4.25
N ALA A 217 -2.09 -9.69 -4.92
CA ALA A 217 -1.26 -8.64 -5.52
C ALA A 217 -2.05 -7.34 -5.48
N ASN A 218 -1.52 -6.31 -4.81
CA ASN A 218 -2.15 -5.00 -4.68
C ASN A 218 -1.20 -3.92 -5.16
N ASP A 219 -1.75 -2.75 -5.42
CA ASP A 219 -0.96 -1.56 -5.67
C ASP A 219 -1.86 -0.36 -5.38
N ILE A 220 -1.37 0.58 -4.57
CA ILE A 220 -2.07 1.83 -4.30
C ILE A 220 -1.19 2.97 -4.82
N ALA A 221 -1.79 3.86 -5.59
CA ALA A 221 -1.02 4.93 -6.24
C ALA A 221 -1.74 6.27 -6.17
N VAL A 222 -0.95 7.34 -6.34
CA VAL A 222 -1.47 8.64 -6.75
C VAL A 222 -0.79 8.94 -8.07
N VAL A 223 -1.61 9.31 -9.05
CA VAL A 223 -1.08 9.59 -10.35
C VAL A 223 -1.43 11.04 -10.69
N TRP A 224 -0.59 11.68 -11.50
CA TRP A 224 -0.89 13.02 -11.99
C TRP A 224 -0.82 13.06 -13.51
N SER A 225 -1.81 13.67 -14.13
CA SER A 225 -1.86 13.83 -15.57
C SER A 225 -0.70 14.75 -15.98
N PRO A 226 -0.41 14.81 -17.29
CA PRO A 226 0.62 15.72 -17.79
C PRO A 226 0.33 17.21 -17.50
N THR A 227 -0.91 17.55 -17.13
CA THR A 227 -1.27 18.92 -16.71
C THR A 227 -1.44 19.07 -15.19
N GLY A 228 -1.01 18.05 -14.45
CA GLY A 228 -0.97 18.13 -12.99
C GLY A 228 -2.29 17.84 -12.29
N VAL A 229 -3.19 17.12 -12.94
CA VAL A 229 -4.47 16.76 -12.32
C VAL A 229 -4.27 15.38 -11.65
N PRO A 230 -4.45 15.33 -10.32
CA PRO A 230 -4.17 14.08 -9.60
C PRO A 230 -5.37 13.16 -9.47
N TYR A 231 -5.10 11.86 -9.47
CA TYR A 231 -6.13 10.84 -9.20
C TYR A 231 -5.52 9.79 -8.30
N VAL A 232 -6.33 9.24 -7.40
CA VAL A 232 -5.85 8.15 -6.53
C VAL A 232 -6.37 6.85 -7.12
N VAL A 233 -5.50 5.84 -7.22
CA VAL A 233 -5.86 4.57 -7.86
C VAL A 233 -5.53 3.43 -6.90
N ALA A 234 -6.54 2.67 -6.49
CA ALA A 234 -6.33 1.50 -5.63
C ALA A 234 -6.77 0.27 -6.39
N VAL A 235 -5.86 -0.67 -6.57
CA VAL A 235 -6.15 -1.92 -7.23
C VAL A 235 -5.72 -3.05 -6.30
N MET A 236 -6.66 -3.95 -6.01
CA MET A 236 -6.38 -5.11 -5.16
C MET A 236 -6.84 -6.39 -5.85
N SER A 237 -6.15 -7.50 -5.60
CA SER A 237 -6.52 -8.77 -6.24
C SER A 237 -6.10 -9.98 -5.43
N ASP A 238 -6.87 -11.05 -5.55
CA ASP A 238 -6.43 -12.37 -5.06
C ASP A 238 -6.89 -13.46 -6.01
N ARG A 239 -6.38 -14.68 -5.81
CA ARG A 239 -6.67 -15.80 -6.68
C ARG A 239 -6.90 -17.06 -5.83
N ALA A 240 -7.90 -16.99 -4.96
CA ALA A 240 -8.17 -18.04 -3.98
C ALA A 240 -8.34 -19.38 -4.66
N GLY A 241 -8.83 -19.33 -5.90
CA GLY A 241 -9.09 -20.51 -6.68
C GLY A 241 -7.91 -21.41 -6.95
N GLY A 242 -6.69 -20.90 -6.77
CA GLY A 242 -5.46 -21.71 -6.82
C GLY A 242 -4.86 -22.04 -5.48
N GLY A 243 -5.59 -21.76 -4.40
CA GLY A 243 -5.14 -22.11 -3.06
C GLY A 243 -3.95 -21.28 -2.60
N TYR A 244 -3.31 -21.72 -1.52
CA TYR A 244 -2.28 -20.93 -0.84
C TYR A 244 -1.14 -20.55 -1.78
N ASP A 245 -0.80 -21.45 -2.69
CA ASP A 245 0.40 -21.28 -3.50
C ASP A 245 0.06 -20.70 -4.88
N ALA A 246 -1.16 -20.21 -5.06
CA ALA A 246 -1.54 -19.49 -6.28
C ALA A 246 -0.55 -18.34 -6.51
N GLU A 247 -0.05 -18.20 -7.73
CA GLU A 247 0.92 -17.17 -8.07
C GLU A 247 0.23 -15.81 -8.18
N PRO A 248 0.79 -14.78 -7.55
CA PRO A 248 0.29 -13.41 -7.78
C PRO A 248 0.51 -13.05 -9.24
N ARG A 249 -0.41 -12.31 -9.85
CA ARG A 249 -0.30 -11.95 -11.26
C ARG A 249 -0.24 -10.44 -11.47
N GLU A 250 0.97 -9.90 -11.55
CA GLU A 250 1.19 -8.45 -11.75
C GLU A 250 0.48 -7.88 -12.95
N ALA A 251 0.48 -8.68 -14.02
CA ALA A 251 -0.14 -8.27 -15.26
C ALA A 251 -1.61 -7.92 -15.09
N LEU A 252 -2.31 -8.58 -14.17
CA LEU A 252 -3.72 -8.25 -13.92
C LEU A 252 -3.85 -6.79 -13.46
N LEU A 253 -2.93 -6.36 -12.59
CA LEU A 253 -2.99 -4.98 -12.10
C LEU A 253 -2.58 -3.98 -13.20
N ALA A 254 -1.59 -4.36 -14.00
CA ALA A 254 -1.19 -3.52 -15.14
C ALA A 254 -2.37 -3.31 -16.12
N GLU A 255 -3.09 -4.39 -16.43
CA GLU A 255 -4.22 -4.31 -17.34
C GLU A 255 -5.37 -3.51 -16.73
N ALA A 256 -5.69 -3.76 -15.45
CA ALA A 256 -6.72 -2.94 -14.78
C ALA A 256 -6.32 -1.47 -14.79
N ALA A 257 -5.03 -1.19 -14.59
CA ALA A 257 -4.58 0.21 -14.58
C ALA A 257 -4.68 0.81 -15.99
N THR A 258 -4.37 0.01 -17.02
CA THR A 258 -4.50 0.47 -18.40
C THR A 258 -5.94 0.87 -18.68
N CYS A 259 -6.87 0.04 -18.20
CA CYS A 259 -8.30 0.32 -18.35
C CYS A 259 -8.72 1.62 -17.67
N VAL A 260 -8.21 1.85 -16.47
CA VAL A 260 -8.48 3.12 -15.78
C VAL A 260 -7.86 4.30 -16.51
N ALA A 261 -6.60 4.15 -16.92
CA ALA A 261 -5.88 5.21 -17.65
C ALA A 261 -6.64 5.63 -18.92
N GLY A 262 -7.21 4.65 -19.62
CA GLY A 262 -8.03 4.91 -20.82
C GLY A 262 -9.22 5.83 -20.55
N VAL A 263 -9.80 5.72 -19.37
CA VAL A 263 -10.98 6.48 -19.00
C VAL A 263 -10.56 7.87 -18.53
N LEU A 264 -9.38 7.96 -17.92
CA LEU A 264 -8.91 9.20 -17.31
C LEU A 264 -8.14 10.11 -18.26
N ALA A 265 -7.57 9.54 -19.32
CA ALA A 265 -6.79 10.30 -20.33
C ALA A 265 -7.58 11.44 -20.97
P PO4 B . 6.01 -15.63 14.82
O1 PO4 B . 6.68 -15.28 16.12
O2 PO4 B . 4.56 -15.93 15.12
O3 PO4 B . 6.10 -14.48 13.84
O4 PO4 B . 6.67 -16.85 14.21
P PO4 C . -17.39 -5.87 6.73
O1 PO4 C . -16.55 -5.95 5.46
O2 PO4 C . -18.82 -5.54 6.33
O3 PO4 C . -17.34 -7.20 7.43
O4 PO4 C . -16.85 -4.82 7.68
C 7EP D . 4.47 -7.34 1.49
N 7EP D . 5.03 -9.42 0.83
O 7EP D . 3.33 -7.36 0.59
CA 7EP D . 5.55 -8.15 1.32
CB 7EP D . 6.60 -7.39 0.51
CAA 7EP D . 4.53 -12.90 4.06
CAB 7EP D . 6.80 -12.37 -2.22
CAC 7EP D . 7.16 -8.86 -3.14
CAD 7EP D . 8.24 -6.66 -2.63
OAF 7EP D . 5.61 -4.88 -2.44
OAG 7EP D . 6.55 -10.53 2.08
OAH 7EP D . 4.76 -6.42 -3.76
CAJ 7EP D . 3.86 -14.27 0.05
CAK 7EP D . 3.68 -13.77 1.35
CAL 7EP D . 4.61 -13.54 -0.87
NAN 7EP D . 6.01 -6.45 -0.46
OAO 7EP D . 4.12 -12.02 2.97
OAP 7EP D . 5.93 -11.57 -1.37
SAQ 7EP D . 7.78 -8.37 -0.48
CAR 7EP D . 5.37 -6.05 -2.74
CAS 7EP D . 5.61 -10.53 1.28
CAT 7EP D . 4.27 -12.55 1.72
CAU 7EP D . 5.19 -12.31 -0.51
CAV 7EP D . 5.01 -11.84 0.79
CAY 7EP D . 5.86 -7.12 -1.76
CAZ 7EP D . 7.26 -7.72 -2.11
#